data_4IG7
#
_entry.id   4IG7
#
_cell.length_a   147.361
_cell.length_b   147.361
_cell.length_c   40.485
_cell.angle_alpha   90.00
_cell.angle_beta   90.00
_cell.angle_gamma   120.00
#
_symmetry.space_group_name_H-M   'H 3'
#
loop_
_entity.id
_entity.type
_entity.pdbx_description
1 polymer 'Ubiquitin C-terminal hydrolase 37'
2 polymer Ubiquitin
3 non-polymer 'METHYL 4-AMINOBUTANOATE'
4 water water
#
loop_
_entity_poly.entity_id
_entity_poly.type
_entity_poly.pdbx_seq_one_letter_code
_entity_poly.pdbx_strand_id
1 'polypeptide(L)'
;MGSSHHHHHHSSGLVPRGSHMASMTGGQQMGRGSMAEGNWCLIESDPGIFTEMIHGFGCTGLQVEELVVLDESIEHLKPI
HGFIFLFRWLKKEMRKEVDDSPQTCTDVYFSQQVIQNACASQALINLLLNCDHPDVDLGPTLKEFKDFTYDLDSASRGLC
LTNSEKIRAVHNSFGRQQLFEIDDQQKLDEEDVFHFVTYVPVNDGVYELDGLRAAPLRLGTVASDGDWTEVAIKAIKEKI
KNYGESEVRFNLMAVISDQKLKYEREMEKFAQAGDSAEVDRLVALIAAEDAKRERYAMEAARHRHNYVPFIVELLRILAE
EEVLSRMLADVSDSNVAHDFVFE
;
A
2 'polypeptide(L)' MQIFVKTLTGKTITLEVEPSDTIENVKAKIQDKEGIPPDQQRLIFAGKQLEDGRTLSDYNIQKESTLHLVLRLRG B
#
# COMPACT_ATOMS: atom_id res chain seq x y z
N GLY A 38 -21.78 -6.95 3.66
CA GLY A 38 -23.06 -6.25 3.68
C GLY A 38 -23.17 -5.34 4.90
N ASN A 39 -22.39 -5.67 5.91
CA ASN A 39 -22.29 -4.90 7.15
C ASN A 39 -20.86 -4.37 7.25
N TRP A 40 -20.07 -4.71 6.23
CA TRP A 40 -18.70 -4.24 6.13
C TRP A 40 -18.57 -3.46 4.83
N CYS A 41 -18.05 -2.24 4.91
CA CYS A 41 -17.89 -1.43 3.71
C CYS A 41 -16.67 -1.88 2.93
N LEU A 42 -16.58 -1.42 1.67
CA LEU A 42 -15.39 -1.63 0.86
C LEU A 42 -14.38 -0.54 1.21
N ILE A 43 -13.11 -0.81 0.93
CA ILE A 43 -12.06 0.11 1.36
C ILE A 43 -11.14 0.47 0.20
N GLU A 44 -10.96 1.77 0.01
CA GLU A 44 -10.17 2.31 -1.09
C GLU A 44 -8.68 1.99 -0.94
N SER A 45 -8.02 1.61 -2.04
CA SER A 45 -6.60 1.28 -2.00
C SER A 45 -5.76 2.54 -1.88
N ASP A 46 -5.65 3.06 -0.66
CA ASP A 46 -5.01 4.35 -0.41
C ASP A 46 -4.06 4.18 0.78
N PRO A 47 -2.76 4.49 0.58
CA PRO A 47 -1.77 4.22 1.63
C PRO A 47 -2.03 5.04 2.89
N GLY A 48 -2.70 6.18 2.76
CA GLY A 48 -3.06 6.97 3.92
C GLY A 48 -4.14 6.30 4.75
N ILE A 49 -5.12 5.72 4.09
CA ILE A 49 -6.16 5.00 4.81
C ILE A 49 -5.57 3.80 5.55
N PHE A 50 -4.73 3.04 4.88
CA PHE A 50 -4.15 1.86 5.52
C PHE A 50 -3.24 2.21 6.69
N THR A 51 -2.48 3.29 6.58
CA THR A 51 -1.68 3.77 7.72
C THR A 51 -2.58 4.06 8.92
N GLU A 52 -3.70 4.73 8.66
CA GLU A 52 -4.64 5.06 9.72
C GLU A 52 -5.34 3.81 10.30
N MET A 53 -5.57 2.81 9.48
CA MET A 53 -6.22 1.59 9.95
C MET A 53 -5.30 0.88 10.92
N ILE A 54 -4.03 0.79 10.55
CA ILE A 54 -3.02 0.19 11.43
C ILE A 54 -3.03 0.88 12.79
N HIS A 55 -2.99 2.20 12.80
CA HIS A 55 -3.04 2.95 14.05
C HIS A 55 -4.35 2.68 14.77
N GLY A 56 -5.46 2.73 14.04
CA GLY A 56 -6.77 2.44 14.60
C GLY A 56 -6.85 1.10 15.30
N PHE A 57 -6.16 0.09 14.77
CA PHE A 57 -6.11 -1.23 15.40
C PHE A 57 -5.25 -1.23 16.67
N GLY A 58 -4.55 -0.12 16.92
CA GLY A 58 -3.71 0.00 18.09
C GLY A 58 -2.23 -0.29 17.86
N CYS A 59 -1.85 -0.49 16.59
CA CYS A 59 -0.46 -0.83 16.27
C CYS A 59 0.39 0.40 15.94
N THR A 60 1.54 0.54 16.59
CA THR A 60 2.40 1.71 16.35
C THR A 60 3.75 1.34 15.76
N GLY A 61 4.34 2.28 15.03
CA GLY A 61 5.66 2.08 14.48
C GLY A 61 5.73 1.82 12.99
N LEU A 62 4.58 1.84 12.31
CA LEU A 62 4.54 1.54 10.88
C LEU A 62 3.86 2.63 10.07
N GLN A 63 4.13 2.65 8.77
CA GLN A 63 3.31 3.43 7.85
C GLN A 63 3.26 2.68 6.53
N VAL A 64 2.39 3.13 5.65
CA VAL A 64 2.20 2.46 4.37
C VAL A 64 2.65 3.41 3.27
N GLU A 65 3.43 2.87 2.34
CA GLU A 65 3.92 3.65 1.22
C GLU A 65 3.43 3.02 -0.08
N GLU A 66 2.82 3.84 -0.93
CA GLU A 66 2.35 3.39 -2.23
C GLU A 66 3.51 3.18 -3.18
N LEU A 67 3.52 2.07 -3.91
CA LEU A 67 4.52 1.84 -4.96
C LEU A 67 4.00 2.31 -6.31
N VAL A 68 4.86 2.96 -7.08
CA VAL A 68 4.42 3.58 -8.32
C VAL A 68 4.87 2.77 -9.54
N VAL A 69 6.00 2.09 -9.41
CA VAL A 69 6.46 1.16 -10.45
C VAL A 69 7.00 -0.13 -9.79
N LEU A 70 7.07 -1.22 -10.56
CA LEU A 70 7.55 -2.50 -9.99
C LEU A 70 9.06 -2.66 -10.03
N ASP A 71 9.75 -1.68 -10.59
CA ASP A 71 11.21 -1.66 -10.58
C ASP A 71 11.71 -0.65 -9.56
N GLU A 72 10.78 -0.09 -8.79
CA GLU A 72 11.11 0.93 -7.80
C GLU A 72 12.05 0.36 -6.77
N SER A 73 13.23 0.96 -6.65
CA SER A 73 14.16 0.56 -5.60
C SER A 73 13.69 1.14 -4.28
N ILE A 74 13.61 0.27 -3.28
CA ILE A 74 13.06 0.62 -1.99
C ILE A 74 14.04 0.26 -0.88
N GLU A 75 15.31 0.13 -1.29
CA GLU A 75 16.42 -0.10 -0.36
C GLU A 75 16.40 0.89 0.79
N HIS A 76 16.02 2.13 0.48
CA HIS A 76 15.93 3.19 1.48
C HIS A 76 14.69 3.09 2.37
N LEU A 77 13.73 2.27 1.94
CA LEU A 77 12.50 2.09 2.72
C LEU A 77 12.60 0.92 3.71
N LYS A 78 13.68 0.15 3.58
CA LYS A 78 13.94 -0.99 4.45
C LYS A 78 13.98 -0.62 5.94
N PRO A 79 13.50 -1.53 6.80
CA PRO A 79 12.94 -2.84 6.43
C PRO A 79 11.53 -2.74 5.85
N ILE A 80 11.20 -3.62 4.92
CA ILE A 80 9.83 -3.72 4.42
C ILE A 80 9.17 -4.87 5.16
N HIS A 81 8.08 -4.61 5.88
CA HIS A 81 7.47 -5.66 6.70
C HIS A 81 6.47 -6.54 5.92
N GLY A 82 6.01 -6.05 4.77
CA GLY A 82 5.08 -6.81 3.95
C GLY A 82 4.58 -5.97 2.81
N PHE A 83 3.84 -6.59 1.88
CA PHE A 83 3.19 -5.87 0.79
C PHE A 83 1.69 -6.08 0.86
N ILE A 84 0.93 -5.07 0.45
CA ILE A 84 -0.51 -5.22 0.28
C ILE A 84 -0.79 -5.03 -1.21
N PHE A 85 -1.44 -5.99 -1.85
CA PHE A 85 -1.63 -5.95 -3.30
C PHE A 85 -3.11 -6.09 -3.65
N LEU A 86 -3.59 -5.21 -4.53
CA LEU A 86 -4.99 -5.19 -4.91
C LEU A 86 -5.10 -5.41 -6.42
N PHE A 87 -5.96 -6.35 -6.81
CA PHE A 87 -6.18 -6.74 -8.21
C PHE A 87 -7.63 -7.13 -8.42
N ARG A 88 -8.07 -7.20 -9.68
CA ARG A 88 -9.44 -7.65 -9.97
C ARG A 88 -9.57 -9.16 -9.79
N TRP A 89 -10.59 -9.59 -9.06
CA TRP A 89 -10.75 -11.02 -8.78
C TRP A 89 -11.26 -11.74 -10.03
N LEU A 90 -10.50 -12.71 -10.54
CA LEU A 90 -10.89 -13.52 -11.69
C LEU A 90 -11.49 -14.83 -11.17
N LYS A 91 -12.80 -14.85 -11.04
CA LYS A 91 -13.51 -15.96 -10.42
C LYS A 91 -13.45 -17.23 -11.28
N THR A 106 3.51 -23.64 9.72
CA THR A 106 3.00 -23.65 11.09
C THR A 106 3.47 -22.42 11.87
N ASP A 107 4.45 -21.71 11.33
CA ASP A 107 5.00 -20.52 11.97
C ASP A 107 4.36 -19.25 11.39
N VAL A 108 3.59 -19.42 10.31
CA VAL A 108 2.90 -18.30 9.66
C VAL A 108 1.49 -18.11 10.23
N TYR A 109 1.16 -16.91 10.72
CA TYR A 109 -0.23 -16.66 11.12
C TYR A 109 -1.09 -16.40 9.88
N PHE A 110 -2.26 -17.01 9.81
CA PHE A 110 -3.11 -16.81 8.66
C PHE A 110 -4.57 -17.01 9.00
N SER A 111 -5.42 -16.06 8.60
CA SER A 111 -6.87 -16.24 8.75
C SER A 111 -7.53 -16.18 7.39
N GLN A 112 -8.55 -17.01 7.22
CA GLN A 112 -9.33 -17.06 5.99
C GLN A 112 -10.61 -16.26 6.19
N GLN A 113 -11.09 -15.61 5.14
CA GLN A 113 -12.32 -14.81 5.23
C GLN A 113 -13.59 -15.66 5.28
N VAL A 114 -14.52 -15.24 6.15
CA VAL A 114 -15.86 -15.81 6.13
C VAL A 114 -16.89 -14.73 5.79
N ILE A 115 -16.41 -13.49 5.67
CA ILE A 115 -17.18 -12.46 4.98
C ILE A 115 -16.33 -11.79 3.89
N GLN A 116 -16.93 -11.54 2.74
CA GLN A 116 -16.17 -11.07 1.58
C GLN A 116 -15.69 -9.64 1.74
N ASN A 117 -16.54 -8.74 2.23
CA ASN A 117 -16.18 -7.33 2.28
C ASN A 117 -15.17 -6.95 3.35
N ALA A 118 -14.75 -7.91 4.16
CA ALA A 118 -13.75 -7.65 5.16
C ALA A 118 -12.32 -7.74 4.64
N CYS A 119 -12.13 -8.01 3.35
CA CYS A 119 -10.79 -8.36 2.86
C CYS A 119 -9.66 -7.34 3.14
N ALA A 120 -9.97 -6.04 3.14
CA ALA A 120 -8.93 -5.02 3.42
C ALA A 120 -8.39 -5.16 4.84
N SER A 121 -9.29 -5.20 5.82
CA SER A 121 -8.87 -5.35 7.21
C SER A 121 -8.22 -6.70 7.46
N GLN A 122 -8.81 -7.75 6.87
CA GLN A 122 -8.27 -9.09 7.05
C GLN A 122 -6.88 -9.25 6.42
N ALA A 123 -6.67 -8.67 5.25
CA ALA A 123 -5.35 -8.73 4.62
C ALA A 123 -4.34 -7.98 5.48
N LEU A 124 -4.73 -6.81 5.99
CA LEU A 124 -3.81 -6.01 6.80
C LEU A 124 -3.50 -6.73 8.13
N ILE A 125 -4.50 -7.29 8.76
CA ILE A 125 -4.25 -8.01 10.01
C ILE A 125 -3.39 -9.27 9.79
N ASN A 126 -3.63 -10.00 8.70
CA ASN A 126 -2.77 -11.14 8.36
C ASN A 126 -1.30 -10.71 8.23
N LEU A 127 -1.08 -9.50 7.74
CA LEU A 127 0.28 -9.00 7.58
C LEU A 127 0.85 -8.66 8.94
N LEU A 128 0.10 -7.90 9.74
CA LEU A 128 0.60 -7.38 11.02
C LEU A 128 0.93 -8.52 12.00
N LEU A 129 0.15 -9.61 11.96
CA LEU A 129 0.34 -10.69 12.94
C LEU A 129 1.48 -11.61 12.51
N ASN A 130 2.14 -11.27 11.40
CA ASN A 130 3.39 -11.94 11.04
C ASN A 130 4.61 -11.04 11.20
N CYS A 131 4.38 -9.82 11.67
CA CYS A 131 5.49 -8.88 11.86
C CYS A 131 6.22 -9.21 13.15
N ASP A 132 7.55 -9.27 13.08
CA ASP A 132 8.37 -9.58 14.24
C ASP A 132 9.55 -8.62 14.22
N HIS A 133 9.37 -7.46 14.84
CA HIS A 133 10.36 -6.40 14.73
C HIS A 133 10.26 -5.46 15.92
N PRO A 134 11.43 -5.00 16.44
CA PRO A 134 11.54 -4.04 17.55
C PRO A 134 10.90 -2.71 17.22
N ASP A 135 10.98 -2.29 15.96
CA ASP A 135 10.30 -1.07 15.50
C ASP A 135 8.80 -1.14 15.79
N VAL A 136 8.25 -2.36 15.90
CA VAL A 136 6.80 -2.55 15.81
C VAL A 136 6.12 -3.10 17.07
N ASP A 137 5.16 -2.34 17.60
CA ASP A 137 4.34 -2.85 18.70
C ASP A 137 2.90 -3.08 18.22
N LEU A 138 2.42 -4.32 18.31
CA LEU A 138 1.09 -4.66 17.79
C LEU A 138 -0.02 -3.98 18.57
N GLY A 139 0.24 -3.70 19.85
CA GLY A 139 -0.77 -3.12 20.71
C GLY A 139 -1.58 -4.25 21.34
N PRO A 140 -2.29 -3.94 22.43
CA PRO A 140 -3.06 -4.94 23.20
C PRO A 140 -4.18 -5.65 22.42
N THR A 141 -4.94 -4.92 21.60
CA THR A 141 -6.04 -5.53 20.86
C THR A 141 -5.58 -6.67 19.94
N LEU A 142 -4.55 -6.42 19.14
CA LEU A 142 -4.04 -7.40 18.19
C LEU A 142 -3.25 -8.50 18.87
N LYS A 143 -2.50 -8.16 19.92
CA LYS A 143 -1.79 -9.20 20.68
C LYS A 143 -2.77 -10.14 21.37
N GLU A 144 -3.84 -9.60 21.92
CA GLU A 144 -4.84 -10.44 22.58
C GLU A 144 -5.54 -11.32 21.53
N PHE A 145 -5.80 -10.76 20.36
CA PHE A 145 -6.42 -11.55 19.29
C PHE A 145 -5.52 -12.69 18.85
N LYS A 146 -4.24 -12.39 18.64
CA LYS A 146 -3.29 -13.42 18.21
C LYS A 146 -3.12 -14.53 19.25
N ASP A 147 -3.00 -14.13 20.53
CA ASP A 147 -2.88 -15.11 21.62
C ASP A 147 -4.10 -16.03 21.66
N PHE A 148 -5.30 -15.45 21.69
CA PHE A 148 -6.51 -16.25 21.76
C PHE A 148 -6.71 -17.17 20.57
N THR A 149 -6.34 -16.72 19.37
CA THR A 149 -6.64 -17.49 18.16
C THR A 149 -5.45 -18.34 17.69
N TYR A 150 -4.47 -18.52 18.56
CA TYR A 150 -3.24 -19.20 18.19
C TYR A 150 -3.43 -20.64 17.71
N ASP A 151 -4.32 -21.39 18.36
CA ASP A 151 -4.55 -22.78 17.94
C ASP A 151 -5.91 -22.96 17.25
N LEU A 152 -6.45 -21.88 16.65
CA LEU A 152 -7.68 -22.00 15.88
C LEU A 152 -7.36 -22.13 14.39
N ASP A 153 -8.18 -22.89 13.69
CA ASP A 153 -8.00 -23.07 12.25
C ASP A 153 -8.23 -21.75 11.51
N SER A 154 -7.80 -21.66 10.25
CA SER A 154 -7.82 -20.38 9.55
C SER A 154 -9.21 -19.74 9.42
N ALA A 155 -10.25 -20.52 9.12
CA ALA A 155 -11.57 -19.92 8.94
C ALA A 155 -12.19 -19.47 10.27
N SER A 156 -11.93 -20.23 11.32
CA SER A 156 -12.35 -19.85 12.66
C SER A 156 -11.68 -18.54 13.10
N ARG A 157 -10.43 -18.35 12.70
CA ARG A 157 -9.77 -17.06 12.93
C ARG A 157 -10.53 -15.95 12.21
N GLY A 158 -10.98 -16.21 10.99
CA GLY A 158 -11.74 -15.23 10.24
C GLY A 158 -13.03 -14.88 10.95
N LEU A 159 -13.71 -15.90 11.46
CA LEU A 159 -14.90 -15.70 12.27
C LEU A 159 -14.61 -14.79 13.47
N CYS A 160 -13.57 -15.12 14.23
CA CYS A 160 -13.23 -14.29 15.39
C CYS A 160 -12.92 -12.84 14.98
N LEU A 161 -12.15 -12.68 13.90
CA LEU A 161 -11.84 -11.32 13.43
C LEU A 161 -13.12 -10.56 13.08
N THR A 162 -14.02 -11.25 12.39
CA THR A 162 -15.29 -10.69 11.94
C THR A 162 -16.19 -10.25 13.10
N ASN A 163 -16.14 -11.00 14.21
CA ASN A 163 -16.87 -10.67 15.42
C ASN A 163 -16.21 -9.61 16.33
N SER A 164 -14.97 -9.21 16.05
CA SER A 164 -14.33 -8.19 16.88
C SER A 164 -15.03 -6.84 16.64
N GLU A 165 -15.54 -6.22 17.71
CA GLU A 165 -16.24 -4.96 17.52
C GLU A 165 -15.28 -3.82 17.23
N LYS A 166 -14.14 -3.83 17.91
CA LYS A 166 -13.07 -2.86 17.68
C LYS A 166 -12.58 -2.88 16.22
N ILE A 167 -12.41 -4.08 15.67
CA ILE A 167 -11.90 -4.19 14.32
C ILE A 167 -12.96 -3.78 13.30
N ARG A 168 -14.19 -4.23 13.51
CA ARG A 168 -15.29 -3.85 12.65
C ARG A 168 -15.47 -2.33 12.67
N ALA A 169 -15.34 -1.75 13.87
CA ALA A 169 -15.47 -0.31 14.01
C ALA A 169 -14.43 0.40 13.19
N VAL A 170 -13.16 0.07 13.41
CA VAL A 170 -12.03 0.67 12.70
C VAL A 170 -12.20 0.55 11.18
N HIS A 171 -12.54 -0.64 10.73
CA HIS A 171 -12.76 -0.91 9.32
C HIS A 171 -13.78 0.04 8.68
N ASN A 172 -14.94 0.15 9.30
CA ASN A 172 -16.04 0.88 8.70
C ASN A 172 -15.85 2.39 8.79
N SER A 173 -14.95 2.81 9.67
CA SER A 173 -14.65 4.23 9.81
C SER A 173 -13.82 4.76 8.62
N PHE A 174 -13.54 3.90 7.64
CA PHE A 174 -12.76 4.30 6.46
C PHE A 174 -13.44 4.06 5.12
N GLY A 175 -14.74 3.76 5.13
CA GLY A 175 -15.44 3.49 3.90
C GLY A 175 -16.70 4.29 3.66
N GLU A 191 -20.75 -6.51 -11.70
CA GLU A 191 -19.96 -5.94 -10.62
C GLU A 191 -18.56 -6.55 -10.55
N ASP A 192 -17.56 -5.81 -11.02
CA ASP A 192 -16.16 -6.17 -10.79
C ASP A 192 -15.93 -6.23 -9.29
N VAL A 193 -15.20 -7.23 -8.81
CA VAL A 193 -14.75 -7.25 -7.41
C VAL A 193 -13.23 -7.10 -7.35
N PHE A 194 -12.76 -6.16 -6.53
CA PHE A 194 -11.33 -6.01 -6.30
C PHE A 194 -10.92 -6.56 -4.93
N HIS A 195 -9.83 -7.33 -4.88
CA HIS A 195 -9.45 -8.11 -3.69
C HIS A 195 -8.09 -7.62 -3.19
N PHE A 196 -7.88 -7.55 -1.87
CA PHE A 196 -6.56 -7.26 -1.30
C PHE A 196 -5.93 -8.56 -0.82
N VAL A 197 -4.67 -8.79 -1.13
CA VAL A 197 -3.93 -9.90 -0.52
C VAL A 197 -2.61 -9.38 0.05
N THR A 198 -1.97 -10.16 0.92
CA THR A 198 -0.81 -9.69 1.63
C THR A 198 0.39 -10.57 1.29
N TYR A 199 1.60 -10.01 1.26
CA TYR A 199 2.82 -10.81 1.13
C TYR A 199 3.72 -10.52 2.29
N VAL A 200 4.33 -11.55 2.87
CA VAL A 200 5.09 -11.36 4.09
C VAL A 200 6.19 -12.43 4.14
N PRO A 201 7.35 -12.09 4.71
CA PRO A 201 8.40 -13.11 4.92
C PRO A 201 8.24 -13.71 6.31
N VAL A 202 8.46 -15.02 6.44
CA VAL A 202 8.46 -15.67 7.76
C VAL A 202 9.59 -16.69 7.79
N ASN A 203 10.50 -16.53 8.76
CA ASN A 203 11.77 -17.26 8.74
C ASN A 203 12.45 -17.14 7.36
N ASP A 204 12.71 -18.26 6.69
CA ASP A 204 13.37 -18.17 5.39
C ASP A 204 12.45 -18.31 4.18
N GLY A 205 11.14 -18.32 4.43
CA GLY A 205 10.16 -18.40 3.36
C GLY A 205 9.51 -17.05 3.09
N VAL A 206 8.90 -16.93 1.92
CA VAL A 206 8.07 -15.79 1.56
C VAL A 206 6.67 -16.32 1.23
N TYR A 207 5.63 -15.72 1.81
CA TYR A 207 4.27 -16.27 1.67
C TYR A 207 3.29 -15.25 1.11
N GLU A 208 2.37 -15.74 0.28
CA GLU A 208 1.22 -14.97 -0.13
C GLU A 208 0.05 -15.37 0.76
N LEU A 209 -0.59 -14.37 1.39
CA LEU A 209 -1.73 -14.65 2.26
C LEU A 209 -3.01 -14.12 1.60
N ASP A 210 -3.72 -15.02 0.91
CA ASP A 210 -4.95 -14.70 0.19
C ASP A 210 -6.11 -15.19 1.05
N GLY A 211 -6.92 -14.28 1.56
CA GLY A 211 -7.97 -14.60 2.51
C GLY A 211 -9.04 -15.53 1.95
N LEU A 212 -9.03 -15.77 0.64
CA LEU A 212 -9.98 -16.75 0.08
C LEU A 212 -9.48 -18.19 0.17
N ARG A 213 -8.18 -18.38 0.37
CA ARG A 213 -7.63 -19.74 0.43
C ARG A 213 -7.64 -20.27 1.85
N ALA A 214 -7.51 -21.59 2.00
CA ALA A 214 -7.56 -22.19 3.33
C ALA A 214 -6.22 -22.16 4.04
N ALA A 215 -5.17 -21.70 3.34
CA ALA A 215 -3.82 -21.79 3.85
C ALA A 215 -2.91 -20.76 3.17
N PRO A 216 -1.81 -20.38 3.83
CA PRO A 216 -0.83 -19.51 3.16
C PRO A 216 -0.26 -20.22 1.95
N LEU A 217 0.23 -19.46 0.98
CA LEU A 217 0.89 -20.04 -0.19
C LEU A 217 2.37 -19.68 -0.17
N ARG A 218 3.23 -20.67 -0.03
CA ARG A 218 4.66 -20.42 -0.04
C ARG A 218 5.14 -20.16 -1.47
N LEU A 219 5.74 -18.99 -1.67
CA LEU A 219 6.17 -18.57 -3.00
C LEU A 219 7.61 -18.95 -3.28
N GLY A 220 8.42 -19.02 -2.23
CA GLY A 220 9.84 -19.28 -2.41
C GLY A 220 10.65 -19.20 -1.13
N THR A 221 11.95 -19.42 -1.26
CA THR A 221 12.86 -19.47 -0.13
C THR A 221 13.88 -18.34 -0.31
N VAL A 222 14.46 -17.84 0.78
CA VAL A 222 15.29 -16.62 0.67
C VAL A 222 16.63 -16.77 1.41
N ALA A 223 17.50 -15.75 1.30
CA ALA A 223 18.72 -15.62 2.11
C ALA A 223 19.79 -16.62 1.64
N SER A 224 21.06 -16.57 2.11
CA SER A 224 21.56 -15.72 3.20
C SER A 224 21.65 -14.23 2.90
N ASP A 225 22.24 -13.88 1.76
CA ASP A 225 22.34 -12.48 1.35
C ASP A 225 20.94 -11.90 1.14
N GLY A 226 20.02 -12.80 0.81
CA GLY A 226 18.75 -12.50 0.16
C GLY A 226 17.88 -11.31 0.55
N ASP A 227 17.30 -10.70 -0.48
CA ASP A 227 16.23 -9.73 -0.34
C ASP A 227 14.89 -10.46 -0.54
N TRP A 228 14.11 -10.63 0.54
CA TRP A 228 12.81 -11.33 0.43
C TRP A 228 11.87 -10.65 -0.56
N THR A 229 12.02 -9.34 -0.72
CA THR A 229 11.12 -8.59 -1.61
C THR A 229 11.21 -8.99 -3.08
N GLU A 230 12.34 -9.59 -3.49
CA GLU A 230 12.53 -10.04 -4.87
C GLU A 230 11.55 -11.16 -5.18
N VAL A 231 11.40 -12.07 -4.21
CA VAL A 231 10.49 -13.19 -4.36
C VAL A 231 9.06 -12.69 -4.51
N ALA A 232 8.64 -11.82 -3.60
CA ALA A 232 7.28 -11.29 -3.61
C ALA A 232 7.00 -10.53 -4.90
N ILE A 233 7.89 -9.59 -5.23
CA ILE A 233 7.73 -8.80 -6.46
C ILE A 233 7.65 -9.70 -7.70
N LYS A 234 8.46 -10.76 -7.73
CA LYS A 234 8.40 -11.72 -8.83
C LYS A 234 7.03 -12.38 -8.90
N ALA A 235 6.52 -12.79 -7.74
CA ALA A 235 5.19 -13.39 -7.70
C ALA A 235 4.10 -12.42 -8.17
N ILE A 236 4.27 -11.14 -7.84
CA ILE A 236 3.25 -10.13 -8.19
C ILE A 236 3.25 -9.82 -9.69
N LYS A 237 4.44 -9.66 -10.26
CA LYS A 237 4.60 -9.47 -11.71
C LYS A 237 3.95 -10.62 -12.47
N GLU A 238 4.28 -11.84 -12.06
CA GLU A 238 3.72 -13.02 -12.71
C GLU A 238 2.21 -13.11 -12.52
N LYS A 239 1.68 -12.53 -11.44
CA LYS A 239 0.23 -12.47 -11.27
C LYS A 239 -0.36 -11.46 -12.24
N ILE A 240 0.33 -10.34 -12.44
CA ILE A 240 -0.12 -9.31 -13.37
C ILE A 240 -0.15 -9.89 -14.80
N LYS A 241 0.81 -10.77 -15.10
CA LYS A 241 0.79 -11.53 -16.35
C LYS A 241 -0.24 -12.66 -16.31
N ASN A 242 -1.50 -12.28 -16.45
CA ASN A 242 -2.63 -13.19 -16.28
C ASN A 242 -3.82 -12.34 -16.67
N TYR A 243 -3.56 -11.05 -16.77
CA TYR A 243 -4.58 -10.07 -17.11
C TYR A 243 -4.27 -9.53 -18.49
N GLY A 244 -5.28 -8.93 -19.13
CA GLY A 244 -5.08 -8.28 -20.41
C GLY A 244 -3.87 -7.38 -20.32
N GLU A 245 -3.00 -7.46 -21.32
CA GLU A 245 -1.83 -6.60 -21.39
C GLU A 245 -2.24 -5.13 -21.28
N SER A 246 -3.56 -4.91 -21.33
CA SER A 246 -4.17 -3.60 -21.13
C SER A 246 -4.86 -3.41 -19.78
N GLU A 247 -4.98 -4.47 -18.99
CA GLU A 247 -5.52 -4.30 -17.64
C GLU A 247 -4.49 -3.51 -16.83
N VAL A 248 -4.92 -2.41 -16.24
CA VAL A 248 -4.01 -1.63 -15.40
C VAL A 248 -4.56 -1.39 -13.99
N ARG A 249 -5.70 -2.00 -13.67
CA ARG A 249 -6.31 -1.75 -12.37
C ARG A 249 -5.70 -2.61 -11.27
N PHE A 250 -4.56 -2.14 -10.78
CA PHE A 250 -3.86 -2.77 -9.66
C PHE A 250 -3.36 -1.67 -8.74
N ASN A 251 -3.08 -2.05 -7.51
CA ASN A 251 -2.41 -1.15 -6.59
C ASN A 251 -1.49 -1.97 -5.70
N LEU A 252 -0.29 -1.45 -5.46
CA LEU A 252 0.68 -2.10 -4.60
C LEU A 252 1.17 -1.13 -3.53
N MET A 253 1.10 -1.57 -2.27
CA MET A 253 1.59 -0.79 -1.14
C MET A 253 2.56 -1.61 -0.31
N ALA A 254 3.57 -0.94 0.25
CA ALA A 254 4.54 -1.58 1.17
C ALA A 254 4.32 -1.06 2.58
N VAL A 255 4.34 -1.97 3.56
CA VAL A 255 4.22 -1.61 4.96
C VAL A 255 5.66 -1.49 5.46
N ILE A 256 6.03 -0.28 5.87
CA ILE A 256 7.39 0.04 6.29
C ILE A 256 7.39 0.67 7.70
N SER A 257 8.57 0.80 8.30
CA SER A 257 8.65 1.45 9.62
C SER A 257 8.30 2.95 9.51
N ASP A 258 7.79 3.53 10.60
CA ASP A 258 7.43 4.94 10.63
C ASP A 258 8.66 5.83 10.34
N GLN A 259 8.68 6.48 9.18
CA GLN A 259 9.82 7.29 8.76
C GLN A 259 9.94 8.58 9.58
N LYS A 260 8.80 9.14 9.97
CA LYS A 260 8.87 10.35 10.80
C LYS A 260 9.48 10.03 12.15
N LEU A 261 9.04 8.92 12.74
CA LEU A 261 9.64 8.48 14.00
C LEU A 261 11.14 8.21 13.87
N LYS A 262 11.55 7.61 12.76
CA LYS A 262 12.98 7.42 12.48
C LYS A 262 13.73 8.75 12.42
N TYR A 263 13.17 9.73 11.72
CA TYR A 263 13.88 11.01 11.58
C TYR A 263 13.96 11.75 12.91
N GLU A 264 12.92 11.62 13.73
CA GLU A 264 12.89 12.33 15.01
C GLU A 264 13.89 11.72 15.98
N ARG A 265 14.05 10.40 15.94
CA ARG A 265 15.08 9.72 16.75
C ARG A 265 16.47 10.20 16.35
N GLU A 266 16.78 10.16 15.05
CA GLU A 266 18.07 10.64 14.56
C GLU A 266 18.28 12.12 14.89
N MET A 267 17.23 12.92 14.75
CA MET A 267 17.34 14.37 15.00
C MET A 267 17.74 14.64 16.44
N GLU A 268 17.15 13.91 17.39
CA GLU A 268 17.49 14.10 18.80
C GLU A 268 18.95 13.67 19.08
N LYS A 269 19.42 12.62 18.41
CA LYS A 269 20.83 12.24 18.50
C LYS A 269 21.80 13.28 17.92
N PHE A 270 21.49 13.82 16.74
CA PHE A 270 22.36 14.88 16.19
C PHE A 270 22.28 16.16 17.02
N ALA A 271 21.10 16.45 17.56
CA ALA A 271 20.94 17.58 18.47
C ALA A 271 21.90 17.40 19.65
N GLN A 272 21.84 16.23 20.28
CA GLN A 272 22.75 15.92 21.40
C GLN A 272 24.21 15.99 20.99
N ALA A 273 24.51 15.68 19.72
CA ALA A 273 25.88 15.72 19.24
C ALA A 273 26.32 17.13 18.87
N GLY A 274 25.37 18.06 18.82
CA GLY A 274 25.67 19.45 18.54
C GLY A 274 25.77 19.77 17.05
N ASP A 275 25.20 18.92 16.21
CA ASP A 275 25.28 19.09 14.76
C ASP A 275 24.06 19.82 14.20
N SER A 276 24.15 21.15 14.11
CA SER A 276 23.03 21.99 13.68
C SER A 276 22.66 21.74 12.23
N ALA A 277 23.67 21.53 11.39
CA ALA A 277 23.45 21.25 9.97
C ALA A 277 22.58 20.02 9.73
N GLU A 278 22.88 18.94 10.45
CA GLU A 278 22.15 17.68 10.28
C GLU A 278 20.74 17.75 10.89
N VAL A 279 20.62 18.41 12.04
CA VAL A 279 19.31 18.69 12.62
C VAL A 279 18.40 19.41 11.62
N ASP A 280 18.92 20.46 10.97
CA ASP A 280 18.14 21.24 10.02
C ASP A 280 17.71 20.40 8.82
N ARG A 281 18.61 19.53 8.35
CA ARG A 281 18.29 18.68 7.22
C ARG A 281 17.22 17.65 7.60
N LEU A 282 17.28 17.17 8.85
CA LEU A 282 16.25 16.28 9.38
C LEU A 282 14.91 16.99 9.58
N VAL A 283 14.95 18.26 9.97
CA VAL A 283 13.74 19.08 9.98
C VAL A 283 13.13 19.12 8.57
N ALA A 284 13.98 19.26 7.56
CA ALA A 284 13.52 19.32 6.17
C ALA A 284 12.86 18.00 5.73
N LEU A 285 13.47 16.88 6.11
CA LEU A 285 12.92 15.55 5.83
C LEU A 285 11.59 15.38 6.55
N ILE A 286 11.56 15.75 7.82
CA ILE A 286 10.32 15.67 8.58
C ILE A 286 9.21 16.52 7.95
N ALA A 287 9.51 17.78 7.65
CA ALA A 287 8.54 18.65 6.99
C ALA A 287 8.06 18.08 5.66
N ALA A 288 8.99 17.52 4.88
CA ALA A 288 8.64 16.84 3.64
C ALA A 288 7.68 15.68 3.90
N GLU A 289 7.97 14.89 4.94
CA GLU A 289 7.13 13.76 5.28
C GLU A 289 5.73 14.22 5.73
N ASP A 290 5.67 15.29 6.52
CA ASP A 290 4.38 15.81 6.97
C ASP A 290 3.53 16.34 5.80
N ALA A 291 4.15 17.08 4.89
CA ALA A 291 3.42 17.59 3.73
C ALA A 291 2.86 16.43 2.90
N LYS A 292 3.65 15.37 2.74
CA LYS A 292 3.22 14.19 2.01
C LYS A 292 2.04 13.52 2.72
N ARG A 293 2.11 13.44 4.05
CA ARG A 293 1.02 12.87 4.84
C ARG A 293 -0.24 13.74 4.76
N GLU A 294 -0.06 15.05 4.69
CA GLU A 294 -1.21 15.95 4.60
C GLU A 294 -1.95 15.82 3.25
N ARG A 295 -1.20 15.73 2.16
CA ARG A 295 -1.81 15.55 0.85
C ARG A 295 -2.66 14.27 0.83
N TYR A 296 -2.20 13.24 1.54
CA TYR A 296 -3.00 12.06 1.84
C TYR A 296 -3.96 12.39 2.99
N ALA A 297 -4.86 13.34 2.75
CA ALA A 297 -5.92 13.69 3.71
C ALA A 297 -6.94 14.64 3.09
N MET B 1 -0.27 19.09 -27.40
CA MET B 1 0.94 18.31 -27.27
C MET B 1 0.66 16.91 -26.74
N GLN B 2 1.68 16.07 -26.74
CA GLN B 2 1.57 14.71 -26.22
C GLN B 2 2.31 14.58 -24.89
N ILE B 3 1.68 13.99 -23.88
CA ILE B 3 2.41 13.56 -22.68
C ILE B 3 2.14 12.10 -22.36
N PHE B 4 3.05 11.48 -21.60
CA PHE B 4 2.96 10.05 -21.30
C PHE B 4 2.51 9.79 -19.87
N VAL B 5 1.57 8.87 -19.70
CA VAL B 5 1.13 8.44 -18.38
C VAL B 5 1.54 6.97 -18.17
N LYS B 6 2.46 6.71 -17.24
CA LYS B 6 2.91 5.34 -16.95
C LYS B 6 2.13 4.73 -15.78
N THR B 7 1.95 3.41 -15.79
CA THR B 7 1.18 2.72 -14.75
C THR B 7 2.05 1.71 -14.00
N LEU B 8 1.53 1.18 -12.89
CA LEU B 8 2.26 0.21 -12.09
C LEU B 8 2.73 -0.98 -12.92
N THR B 9 1.91 -1.39 -13.88
CA THR B 9 2.18 -2.58 -14.69
C THR B 9 3.25 -2.36 -15.76
N GLY B 10 3.64 -1.10 -15.96
CA GLY B 10 4.62 -0.80 -16.98
C GLY B 10 4.03 -0.22 -18.25
N LYS B 11 2.72 -0.34 -18.42
CA LYS B 11 2.04 0.22 -19.58
C LYS B 11 2.34 1.72 -19.71
N THR B 12 2.29 2.25 -20.92
CA THR B 12 2.43 3.69 -21.14
C THR B 12 1.26 4.23 -21.98
N ILE B 13 0.40 5.03 -21.34
CA ILE B 13 -0.75 5.66 -22.00
C ILE B 13 -0.38 7.05 -22.51
N THR B 14 -0.57 7.30 -23.80
CA THR B 14 -0.23 8.61 -24.38
C THR B 14 -1.48 9.49 -24.55
N LEU B 15 -1.35 10.78 -24.26
CA LEU B 15 -2.50 11.67 -24.29
C LEU B 15 -2.31 12.94 -25.14
N GLU B 16 -3.41 13.43 -25.70
CA GLU B 16 -3.47 14.71 -26.39
C GLU B 16 -3.91 15.78 -25.40
N VAL B 17 -2.98 16.61 -24.94
CA VAL B 17 -3.30 17.69 -24.03
C VAL B 17 -2.70 19.00 -24.53
N GLU B 18 -2.97 20.07 -23.79
CA GLU B 18 -2.28 21.34 -23.99
C GLU B 18 -1.85 21.79 -22.58
N PRO B 19 -0.86 22.68 -22.47
CA PRO B 19 -0.34 22.98 -21.13
C PRO B 19 -1.36 23.70 -20.26
N SER B 20 -2.46 24.13 -20.87
CA SER B 20 -3.54 24.82 -20.18
C SER B 20 -4.46 23.84 -19.47
N ASP B 21 -4.48 22.59 -19.92
CA ASP B 21 -5.37 21.56 -19.38
C ASP B 21 -5.24 21.34 -17.87
N THR B 22 -6.39 21.31 -17.18
CA THR B 22 -6.42 20.95 -15.77
C THR B 22 -6.09 19.48 -15.60
N ILE B 23 -5.59 19.12 -14.41
CA ILE B 23 -5.37 17.72 -14.05
C ILE B 23 -6.67 16.93 -14.22
N GLU B 24 -7.75 17.52 -13.74
CA GLU B 24 -9.08 16.94 -13.82
C GLU B 24 -9.44 16.66 -15.27
N ASN B 25 -9.04 17.56 -16.17
CA ASN B 25 -9.25 17.33 -17.60
C ASN B 25 -8.44 16.13 -18.10
N VAL B 26 -7.19 16.04 -17.66
CA VAL B 26 -6.33 14.91 -18.04
C VAL B 26 -6.91 13.58 -17.51
N LYS B 27 -7.59 13.64 -16.38
CA LYS B 27 -8.22 12.43 -15.82
C LYS B 27 -9.42 12.02 -16.68
N ALA B 28 -10.18 13.02 -17.14
CA ALA B 28 -11.28 12.77 -18.07
C ALA B 28 -10.75 12.08 -19.33
N LYS B 29 -9.57 12.50 -19.77
CA LYS B 29 -8.95 11.93 -20.97
C LYS B 29 -8.51 10.49 -20.77
N ILE B 30 -8.01 10.19 -19.57
CA ILE B 30 -7.57 8.83 -19.27
C ILE B 30 -8.76 7.87 -19.25
N GLN B 31 -9.91 8.35 -18.78
CA GLN B 31 -11.13 7.55 -18.81
C GLN B 31 -11.47 7.04 -20.22
N ASP B 32 -11.72 7.97 -21.13
CA ASP B 32 -12.09 7.61 -22.49
C ASP B 32 -11.06 6.70 -23.19
N LYS B 33 -9.80 6.80 -22.79
CA LYS B 33 -8.74 5.97 -23.38
C LYS B 33 -8.60 4.62 -22.66
N GLU B 34 -9.01 4.57 -21.40
CA GLU B 34 -8.78 3.37 -20.59
C GLU B 34 -10.02 2.77 -19.98
N GLY B 35 -10.97 3.60 -19.58
CA GLY B 35 -12.18 3.11 -18.95
C GLY B 35 -12.28 3.49 -17.48
N ILE B 36 -11.16 3.84 -16.89
CA ILE B 36 -11.12 4.17 -15.47
C ILE B 36 -11.64 5.58 -15.19
N PRO B 37 -12.65 5.69 -14.31
CA PRO B 37 -13.15 7.01 -13.89
C PRO B 37 -12.07 7.83 -13.20
N PRO B 38 -12.21 9.18 -13.20
CA PRO B 38 -11.37 10.16 -12.49
C PRO B 38 -11.24 9.85 -11.00
N ASP B 39 -12.31 9.34 -10.41
CA ASP B 39 -12.39 8.99 -9.00
C ASP B 39 -11.26 8.06 -8.57
N GLN B 40 -10.94 7.14 -9.46
CA GLN B 40 -10.05 6.03 -9.15
C GLN B 40 -8.62 6.38 -9.55
N GLN B 41 -8.42 7.63 -9.95
CA GLN B 41 -7.12 8.04 -10.51
C GLN B 41 -6.42 9.04 -9.61
N ARG B 42 -5.13 8.86 -9.42
CA ARG B 42 -4.28 9.91 -8.86
C ARG B 42 -3.08 10.02 -9.78
N LEU B 43 -2.66 11.25 -10.06
CA LEU B 43 -1.55 11.49 -10.97
C LEU B 43 -0.38 12.07 -10.20
N ILE B 44 0.81 11.56 -10.49
CA ILE B 44 2.01 11.94 -9.78
C ILE B 44 3.06 12.43 -10.76
N PHE B 45 3.59 13.63 -10.54
CA PHE B 45 4.69 14.13 -11.37
C PHE B 45 5.90 14.41 -10.48
N ALA B 46 7.00 13.70 -10.78
CA ALA B 46 8.10 13.46 -9.85
C ALA B 46 8.45 14.59 -8.90
N GLY B 47 7.97 14.50 -7.66
CA GLY B 47 7.13 13.38 -7.25
C GLY B 47 6.05 13.83 -6.28
N LYS B 48 5.22 14.78 -6.72
CA LYS B 48 4.08 15.23 -5.94
C LYS B 48 2.79 14.64 -6.51
N GLN B 49 1.78 14.47 -5.65
CA GLN B 49 0.43 14.16 -6.11
C GLN B 49 -0.17 15.45 -6.65
N LEU B 50 -0.82 15.36 -7.81
CA LEU B 50 -1.29 16.55 -8.51
C LEU B 50 -2.73 16.90 -8.14
N GLU B 51 -3.02 18.20 -8.02
CA GLU B 51 -4.37 18.65 -7.63
C GLU B 51 -5.30 18.87 -8.82
N ASP B 52 -6.53 18.37 -8.71
CA ASP B 52 -7.50 18.31 -9.82
C ASP B 52 -7.62 19.55 -10.72
N GLY B 53 -7.76 20.73 -10.13
CA GLY B 53 -7.99 21.93 -10.91
C GLY B 53 -6.79 22.86 -10.99
N ARG B 54 -5.65 22.33 -11.41
CA ARG B 54 -4.40 23.09 -11.31
C ARG B 54 -3.38 22.87 -12.42
N THR B 55 -3.85 22.66 -13.65
CA THR B 55 -3.07 22.90 -14.88
C THR B 55 -1.64 22.31 -15.04
N LEU B 56 -1.37 21.72 -16.21
CA LEU B 56 -0.06 21.15 -16.51
C LEU B 56 1.07 22.18 -16.48
N SER B 57 0.82 23.35 -17.07
CA SER B 57 1.82 24.41 -17.12
C SER B 57 2.16 24.86 -15.70
N ASP B 58 1.16 24.85 -14.84
CA ASP B 58 1.32 25.22 -13.43
C ASP B 58 2.35 24.30 -12.76
N TYR B 59 2.33 23.02 -13.12
CA TYR B 59 3.26 22.05 -12.57
C TYR B 59 4.51 21.90 -13.45
N ASN B 60 4.69 22.82 -14.38
CA ASN B 60 5.87 22.83 -15.25
C ASN B 60 5.96 21.57 -16.10
N ILE B 61 4.80 21.06 -16.53
CA ILE B 61 4.74 19.84 -17.32
C ILE B 61 4.80 20.13 -18.82
N GLN B 62 5.78 19.53 -19.48
CA GLN B 62 6.15 19.89 -20.85
C GLN B 62 5.54 18.99 -21.91
N LYS B 63 5.86 19.28 -23.16
CA LYS B 63 5.66 18.36 -24.26
C LYS B 63 6.39 17.07 -23.93
N GLU B 64 5.64 15.98 -23.83
CA GLU B 64 6.20 14.63 -23.62
C GLU B 64 6.89 14.39 -22.27
N SER B 65 6.41 15.07 -21.23
CA SER B 65 6.79 14.72 -19.88
C SER B 65 6.11 13.39 -19.56
N THR B 66 6.69 12.59 -18.67
CA THR B 66 5.99 11.37 -18.24
C THR B 66 5.40 11.50 -16.84
N LEU B 67 4.12 11.21 -16.72
CA LEU B 67 3.44 11.23 -15.42
C LEU B 67 3.26 9.80 -14.94
N HIS B 68 2.86 9.65 -13.67
CA HIS B 68 2.56 8.32 -13.16
C HIS B 68 1.13 8.27 -12.65
N LEU B 69 0.42 7.21 -13.01
CA LEU B 69 -0.95 7.01 -12.57
C LEU B 69 -0.95 5.93 -11.49
N VAL B 70 -1.58 6.22 -10.35
CA VAL B 70 -1.85 5.18 -9.38
C VAL B 70 -3.35 5.09 -9.18
N LEU B 71 -3.82 3.96 -8.66
CA LEU B 71 -5.24 3.66 -8.64
C LEU B 71 -5.83 3.68 -7.23
N ARG B 72 -7.00 4.31 -7.09
CA ARG B 72 -7.77 4.31 -5.86
C ARG B 72 -9.01 3.46 -6.08
N LEU B 73 -8.88 2.16 -5.82
CA LEU B 73 -9.95 1.18 -6.09
C LEU B 73 -10.56 0.69 -4.79
N ARG B 74 -11.88 0.51 -4.77
CA ARG B 74 -12.53 0.04 -3.57
C ARG B 74 -12.44 -1.49 -3.54
N GLY B 75 -11.80 -2.00 -2.50
CA GLY B 75 -11.60 -3.44 -2.38
C GLY B 75 -12.56 -4.04 -1.36
#